data_7G8N
#
_entry.id   7G8N
#
_cell.length_a   71.301
_cell.length_b   71.301
_cell.length_c   196.090
_cell.angle_alpha   90.000
_cell.angle_beta   90.000
_cell.angle_gamma   90.000
#
_symmetry.space_group_name_H-M   'P 43 21 2'
#
loop_
_entity.id
_entity.type
_entity.pdbx_description
1 polymer 'Transforming protein RhoA'
2 polymer 'Rho guanine nucleotide exchange factor 2'
3 non-polymer '1-anilinocyclopropane-1-carboxylic acid'
4 non-polymer 'DIMETHYL SULFOXIDE'
5 non-polymer 'FORMIC ACID'
6 water water
#
loop_
_entity_poly.entity_id
_entity_poly.type
_entity_poly.pdbx_seq_one_letter_code
_entity_poly.pdbx_strand_id
1 'polypeptide(L)'
;SMAAIRKKLVIVGDGACGKTCLLIVFSKDQFPEVYVPTVFENYVADIEVDGKQVELALWDTAGQEDYDRLRPLSYPDTDV
ILMCFSIDSPDSLENIPEKWTPEVKHFCPNVPIILVGNKKDLRNDEHTRRELAKMKQEPVKPEEGRDMANRIGAFGYMEC
SAKTKDGVREVFEMATRAALQARRG
;
A
2 'polypeptide(L)'
;SMEMDEKDFAADSWSLAVDSSFLQQHKKEVMKQQDVIYELIQTELHHVRTLKIMTRLFRTGMLEELHLEPGVVQGLFPCV
DELSDIHTRFLSQLLERRRQALCPGSTRNFVIHRLGDLLISQFSGPSAEQMCKTYSEFCSRHSKALKLYKELYARDKRFQ
QFIRKVTRPAVLKRHGVQECILLVTQRITKYPLLISRILQHSHGIEEERQDLTTALGLVKELLSNVDEGIYQLEKGARLQ
EIYNR
;
B
#
loop_
_chem_comp.id
_chem_comp.type
_chem_comp.name
_chem_comp.formula
DMS non-polymer 'DIMETHYL SULFOXIDE' 'C2 H6 O S'
FMT non-polymer 'FORMIC ACID' 'C H2 O2'
Z1L non-polymer '1-anilinocyclopropane-1-carboxylic acid' 'C10 H11 N O2'
#
# COMPACT_ATOMS: atom_id res chain seq x y z
N ALA A 4 -5.97 23.50 -7.65
CA ALA A 4 -6.09 22.05 -7.45
C ALA A 4 -6.61 21.75 -6.05
N ILE A 5 -7.68 20.97 -5.97
CA ILE A 5 -8.25 20.59 -4.67
C ILE A 5 -7.83 19.15 -4.36
N ARG A 6 -7.45 18.86 -3.11
CA ARG A 6 -7.05 17.52 -2.75
C ARG A 6 -8.26 16.67 -2.33
N LYS A 7 -8.43 15.53 -3.00
CA LYS A 7 -9.48 14.57 -2.71
C LYS A 7 -8.84 13.20 -2.42
N LYS A 8 -9.55 12.32 -1.71
CA LYS A 8 -9.00 11.02 -1.35
C LYS A 8 -9.91 9.87 -1.79
N LEU A 9 -9.39 8.93 -2.53
CA LEU A 9 -10.12 7.78 -3.03
C LEU A 9 -9.58 6.50 -2.37
N VAL A 10 -10.45 5.62 -1.90
CA VAL A 10 -10.04 4.34 -1.32
C VAL A 10 -10.73 3.21 -2.09
N ILE A 11 -9.98 2.16 -2.45
CA ILE A 11 -10.57 1.03 -3.16
CA ILE A 11 -10.58 1.02 -3.14
C ILE A 11 -10.76 -0.16 -2.19
N VAL A 12 -11.99 -0.67 -2.11
CA VAL A 12 -12.35 -1.78 -1.21
CA VAL A 12 -12.38 -1.75 -1.21
C VAL A 12 -12.88 -2.98 -2.01
N GLY A 13 -12.90 -4.15 -1.40
CA GLY A 13 -13.36 -5.36 -2.08
C GLY A 13 -12.54 -6.60 -1.75
N ASP A 14 -12.98 -7.76 -2.22
CA ASP A 14 -12.30 -9.02 -1.94
C ASP A 14 -10.90 -9.10 -2.54
N GLY A 15 -10.08 -10.03 -2.03
CA GLY A 15 -8.72 -10.21 -2.50
C GLY A 15 -8.54 -10.46 -4.00
N ALA A 16 -9.42 -11.26 -4.59
CA ALA A 16 -9.32 -11.56 -6.02
C ALA A 16 -10.11 -10.58 -6.92
N CYS A 17 -10.59 -9.46 -6.37
CA CYS A 17 -11.36 -8.51 -7.16
C CYS A 17 -10.54 -7.72 -8.20
N GLY A 18 -9.22 -7.70 -8.06
CA GLY A 18 -8.33 -7.00 -8.98
C GLY A 18 -8.22 -5.50 -8.76
N LYS A 19 -8.33 -5.05 -7.49
CA LYS A 19 -8.25 -3.62 -7.17
CA LYS A 19 -8.25 -3.63 -7.16
C LYS A 19 -6.83 -3.07 -7.30
N THR A 20 -5.80 -3.88 -6.99
CA THR A 20 -4.40 -3.45 -7.08
C THR A 20 -3.98 -3.27 -8.53
N CYS A 21 -4.42 -4.18 -9.42
CA CYS A 21 -4.13 -4.05 -10.85
C CYS A 21 -4.79 -2.80 -11.39
N LEU A 22 -6.03 -2.53 -10.99
CA LEU A 22 -6.74 -1.34 -11.44
C LEU A 22 -5.98 -0.05 -11.06
N LEU A 23 -5.47 0.04 -9.82
CA LEU A 23 -4.73 1.22 -9.35
C LEU A 23 -3.43 1.41 -10.11
N ILE A 24 -2.71 0.31 -10.37
CA ILE A 24 -1.42 0.32 -11.08
C ILE A 24 -1.60 0.75 -12.52
N VAL A 25 -2.53 0.15 -13.24
CA VAL A 25 -2.80 0.47 -14.64
C VAL A 25 -3.20 1.95 -14.77
N PHE A 26 -4.00 2.47 -13.82
CA PHE A 26 -4.37 3.88 -13.84
C PHE A 26 -3.17 4.79 -13.55
N SER A 27 -2.41 4.52 -12.48
CA SER A 27 -1.28 5.35 -12.05
C SER A 27 -0.13 5.35 -13.05
N LYS A 28 0.13 4.22 -13.70
CA LYS A 28 1.17 4.15 -14.73
C LYS A 28 0.68 4.69 -16.08
N ASP A 29 -0.65 4.56 -16.35
CA ASP A 29 -1.38 4.87 -17.60
C ASP A 29 -0.85 3.99 -18.72
N GLN A 30 -0.75 2.71 -18.42
CA GLN A 30 -0.17 1.68 -19.27
C GLN A 30 -0.37 0.31 -18.60
N PHE A 31 -0.41 -0.79 -19.39
CA PHE A 31 -0.45 -2.12 -18.78
C PHE A 31 1.02 -2.53 -18.64
N PRO A 32 1.51 -2.74 -17.40
CA PRO A 32 2.94 -3.09 -17.21
C PRO A 32 3.41 -4.26 -18.08
N GLU A 33 4.25 -3.97 -19.08
CA GLU A 33 4.70 -4.97 -20.04
C GLU A 33 5.80 -5.92 -19.57
N VAL A 34 6.57 -5.57 -18.52
CA VAL A 34 7.65 -6.43 -18.04
C VAL A 34 7.35 -7.07 -16.67
N TYR A 35 6.86 -6.29 -15.71
CA TYR A 35 6.56 -6.80 -14.39
C TYR A 35 5.34 -6.12 -13.78
N VAL A 36 4.36 -6.92 -13.34
CA VAL A 36 3.20 -6.36 -12.68
C VAL A 36 3.52 -6.41 -11.21
N PRO A 37 3.57 -5.26 -10.52
CA PRO A 37 3.91 -5.28 -9.10
C PRO A 37 2.86 -5.93 -8.21
N THR A 38 3.32 -6.54 -7.15
CA THR A 38 2.52 -7.23 -6.16
C THR A 38 1.73 -6.22 -5.35
N VAL A 39 2.38 -5.13 -4.94
CA VAL A 39 1.72 -4.15 -4.09
C VAL A 39 1.64 -2.75 -4.70
N PHE A 40 0.69 -1.96 -4.21
CA PHE A 40 0.54 -0.56 -4.56
C PHE A 40 0.75 0.22 -3.24
N GLU A 41 1.60 1.26 -3.24
CA GLU A 41 1.82 2.04 -2.03
C GLU A 41 0.72 3.11 -1.97
N ASN A 42 0.86 4.17 -2.78
CA ASN A 42 -0.12 5.22 -2.90
C ASN A 42 0.21 6.02 -4.18
N TYR A 43 -0.60 7.04 -4.52
CA TYR A 43 -0.35 7.85 -5.69
C TYR A 43 -1.22 9.10 -5.64
N VAL A 44 -0.70 10.25 -6.08
CA VAL A 44 -1.49 11.46 -6.19
C VAL A 44 -1.62 11.80 -7.66
N ALA A 45 -2.81 11.55 -8.23
CA ALA A 45 -3.09 11.75 -9.64
C ALA A 45 -3.54 13.15 -9.94
N ASP A 46 -3.01 13.73 -11.02
CA ASP A 46 -3.41 15.06 -11.45
C ASP A 46 -4.50 14.85 -12.48
N ILE A 47 -5.75 15.03 -12.07
CA ILE A 47 -6.91 14.80 -12.94
CA ILE A 47 -6.86 14.81 -12.97
C ILE A 47 -7.67 16.09 -13.22
N GLU A 48 -8.13 16.28 -14.46
CA GLU A 48 -8.96 17.43 -14.80
CA GLU A 48 -8.96 17.43 -14.79
C GLU A 48 -10.30 16.93 -15.33
N VAL A 49 -11.36 17.02 -14.53
CA VAL A 49 -12.66 16.56 -14.96
C VAL A 49 -13.67 17.71 -15.04
N ASP A 50 -14.40 17.78 -16.17
CA ASP A 50 -15.42 18.80 -16.41
C ASP A 50 -14.92 20.24 -16.12
N GLY A 51 -13.64 20.50 -16.43
CA GLY A 51 -13.02 21.80 -16.25
C GLY A 51 -12.32 22.02 -14.93
N LYS A 52 -12.56 21.14 -13.94
CA LYS A 52 -11.99 21.28 -12.60
C LYS A 52 -10.71 20.51 -12.39
N GLN A 53 -9.72 21.16 -11.82
CA GLN A 53 -8.43 20.54 -11.54
CA GLN A 53 -8.43 20.54 -11.54
C GLN A 53 -8.44 19.98 -10.13
N VAL A 54 -8.16 18.67 -9.99
CA VAL A 54 -8.15 17.97 -8.70
C VAL A 54 -6.89 17.10 -8.58
N GLU A 55 -6.38 16.95 -7.33
CA GLU A 55 -5.29 16.07 -6.94
C GLU A 55 -5.98 14.90 -6.24
N LEU A 56 -6.00 13.74 -6.88
CA LEU A 56 -6.66 12.58 -6.30
C LEU A 56 -5.66 11.57 -5.68
N ALA A 57 -5.65 11.49 -4.33
CA ALA A 57 -4.80 10.53 -3.64
C ALA A 57 -5.48 9.16 -3.75
N LEU A 58 -4.75 8.15 -4.23
CA LEU A 58 -5.26 6.81 -4.45
C LEU A 58 -4.75 5.84 -3.40
N TRP A 59 -5.67 5.12 -2.75
CA TRP A 59 -5.26 4.17 -1.72
C TRP A 59 -5.88 2.81 -1.92
N ASP A 60 -5.16 1.79 -1.50
CA ASP A 60 -5.60 0.41 -1.62
C ASP A 60 -5.83 -0.15 -0.20
N THR A 61 -6.70 -1.16 -0.09
CA THR A 61 -6.91 -1.87 1.17
C THR A 61 -6.46 -3.33 1.06
N ALA A 62 -5.66 -3.68 0.05
CA ALA A 62 -5.19 -5.03 -0.21
C ALA A 62 -4.18 -5.46 0.83
N GLY A 63 -4.44 -6.61 1.41
CA GLY A 63 -3.68 -7.18 2.51
C GLY A 63 -4.35 -6.91 3.85
N GLN A 64 -5.37 -6.04 3.89
CA GLN A 64 -6.05 -5.68 5.13
C GLN A 64 -7.39 -6.40 5.33
N GLU A 65 -7.85 -7.18 4.34
CA GLU A 65 -9.14 -7.88 4.38
C GLU A 65 -9.35 -8.80 5.61
N ASP A 66 -8.28 -9.33 6.21
CA ASP A 66 -8.41 -10.20 7.39
C ASP A 66 -8.24 -9.45 8.73
N TYR A 67 -7.83 -8.18 8.69
CA TYR A 67 -7.51 -7.44 9.90
C TYR A 67 -8.52 -6.34 10.13
N ASP A 68 -9.56 -6.64 10.90
CA ASP A 68 -10.68 -5.75 11.12
C ASP A 68 -10.39 -4.50 11.95
N ARG A 69 -9.29 -4.46 12.70
CA ARG A 69 -8.93 -3.24 13.43
C ARG A 69 -7.88 -2.42 12.66
N LEU A 70 -7.04 -3.06 11.83
CA LEU A 70 -6.08 -2.35 11.00
C LEU A 70 -6.78 -1.67 9.81
N ARG A 71 -7.67 -2.40 9.10
CA ARG A 71 -8.38 -1.95 7.90
C ARG A 71 -9.09 -0.60 8.02
N PRO A 72 -9.92 -0.33 9.06
CA PRO A 72 -10.57 0.99 9.14
C PRO A 72 -9.64 2.20 9.24
N LEU A 73 -8.34 2.02 9.55
CA LEU A 73 -7.39 3.15 9.57
C LEU A 73 -7.11 3.76 8.16
N SER A 74 -7.59 3.08 7.11
CA SER A 74 -7.48 3.56 5.74
C SER A 74 -8.61 4.54 5.42
N TYR A 75 -9.76 4.49 6.16
CA TYR A 75 -10.95 5.29 5.90
C TYR A 75 -10.93 6.78 6.23
N PRO A 76 -10.28 7.29 7.29
CA PRO A 76 -10.36 8.74 7.59
C PRO A 76 -10.16 9.74 6.43
N ASP A 77 -11.08 10.71 6.30
CA ASP A 77 -11.08 11.78 5.29
C ASP A 77 -11.29 11.31 3.86
N THR A 78 -11.93 10.15 3.67
CA THR A 78 -12.18 9.63 2.32
C THR A 78 -13.27 10.46 1.62
N ASP A 79 -13.07 10.78 0.34
CA ASP A 79 -14.01 11.55 -0.45
C ASP A 79 -14.80 10.66 -1.42
N VAL A 80 -14.21 9.53 -1.88
CA VAL A 80 -14.93 8.61 -2.75
C VAL A 80 -14.49 7.18 -2.49
N ILE A 81 -15.45 6.22 -2.48
CA ILE A 81 -15.15 4.80 -2.26
C ILE A 81 -15.30 4.03 -3.59
N LEU A 82 -14.30 3.23 -3.97
CA LEU A 82 -14.45 2.36 -5.12
C LEU A 82 -14.70 0.96 -4.57
N MET A 83 -15.92 0.48 -4.71
CA MET A 83 -16.31 -0.83 -4.20
CA MET A 83 -16.36 -0.82 -4.21
C MET A 83 -16.14 -1.81 -5.36
N CYS A 84 -15.09 -2.60 -5.28
CA CYS A 84 -14.72 -3.50 -6.34
CA CYS A 84 -14.72 -3.52 -6.35
C CYS A 84 -15.15 -4.95 -6.13
N PHE A 85 -15.46 -5.62 -7.22
CA PHE A 85 -15.84 -7.01 -7.36
C PHE A 85 -15.37 -7.45 -8.72
N SER A 86 -15.06 -8.73 -8.88
CA SER A 86 -14.60 -9.27 -10.15
C SER A 86 -15.74 -9.93 -10.88
N ILE A 87 -15.87 -9.67 -12.18
CA ILE A 87 -16.94 -10.24 -12.98
C ILE A 87 -16.78 -11.77 -13.14
N ASP A 88 -15.56 -12.30 -13.07
CA ASP A 88 -15.34 -13.76 -13.14
C ASP A 88 -15.54 -14.47 -11.77
N SER A 89 -16.07 -13.75 -10.78
CA SER A 89 -16.26 -14.24 -9.43
C SER A 89 -17.60 -13.76 -8.87
N PRO A 90 -18.69 -14.49 -9.11
CA PRO A 90 -19.98 -14.06 -8.57
C PRO A 90 -20.01 -14.03 -7.04
N ASP A 91 -19.17 -14.85 -6.37
CA ASP A 91 -19.10 -14.87 -4.91
C ASP A 91 -18.53 -13.56 -4.32
N SER A 92 -17.67 -12.85 -5.07
CA SER A 92 -17.17 -11.56 -4.58
C SER A 92 -18.28 -10.50 -4.59
N LEU A 93 -19.25 -10.60 -5.54
CA LEU A 93 -20.39 -9.70 -5.63
C LEU A 93 -21.38 -9.97 -4.51
N GLU A 94 -21.58 -11.25 -4.17
CA GLU A 94 -22.47 -11.68 -3.09
C GLU A 94 -22.01 -11.12 -1.72
N ASN A 95 -20.69 -10.88 -1.55
CA ASN A 95 -20.11 -10.32 -0.31
C ASN A 95 -20.21 -8.79 -0.18
N ILE A 96 -20.61 -8.10 -1.25
CA ILE A 96 -20.74 -6.66 -1.28
C ILE A 96 -21.79 -6.13 -0.29
N PRO A 97 -23.08 -6.59 -0.32
CA PRO A 97 -24.06 -6.02 0.60
C PRO A 97 -23.99 -6.53 2.04
N GLU A 98 -23.48 -7.75 2.27
CA GLU A 98 -23.45 -8.29 3.63
C GLU A 98 -22.11 -8.08 4.36
N LYS A 99 -21.00 -7.81 3.63
CA LYS A 99 -19.74 -7.56 4.29
C LYS A 99 -19.21 -6.15 4.07
N TRP A 100 -18.97 -5.73 2.82
CA TRP A 100 -18.36 -4.43 2.55
C TRP A 100 -19.22 -3.18 2.73
N THR A 101 -20.48 -3.21 2.28
CA THR A 101 -21.37 -2.05 2.39
C THR A 101 -21.63 -1.61 3.86
N PRO A 102 -21.97 -2.49 4.82
CA PRO A 102 -22.20 -2.02 6.20
C PRO A 102 -20.99 -1.32 6.82
N GLU A 103 -19.77 -1.79 6.49
CA GLU A 103 -18.52 -1.24 7.00
C GLU A 103 -18.21 0.13 6.38
N VAL A 104 -18.41 0.25 5.07
CA VAL A 104 -18.12 1.50 4.37
C VAL A 104 -19.10 2.60 4.79
N LYS A 105 -20.35 2.25 5.13
CA LYS A 105 -21.34 3.24 5.53
C LYS A 105 -21.23 3.68 7.00
N HIS A 106 -20.53 2.89 7.84
CA HIS A 106 -20.29 3.19 9.25
C HIS A 106 -19.08 4.12 9.38
N PHE A 107 -17.98 3.79 8.68
CA PHE A 107 -16.76 4.58 8.75
C PHE A 107 -16.73 5.75 7.75
N CYS A 108 -17.56 5.69 6.70
CA CYS A 108 -17.58 6.74 5.69
C CYS A 108 -19.03 7.12 5.43
N PRO A 109 -19.68 7.75 6.41
CA PRO A 109 -21.08 8.13 6.21
C PRO A 109 -21.18 9.26 5.19
N ASN A 110 -22.22 9.22 4.35
CA ASN A 110 -22.49 10.19 3.29
C ASN A 110 -21.39 10.30 2.21
N VAL A 111 -20.39 9.38 2.20
CA VAL A 111 -19.36 9.36 1.18
C VAL A 111 -19.90 8.59 -0.04
N PRO A 112 -19.76 9.12 -1.29
CA PRO A 112 -20.28 8.37 -2.44
C PRO A 112 -19.53 7.06 -2.72
N ILE A 113 -20.25 6.00 -3.07
CA ILE A 113 -19.67 4.70 -3.37
C ILE A 113 -19.92 4.42 -4.84
N ILE A 114 -18.89 4.11 -5.61
CA ILE A 114 -19.09 3.70 -7.00
C ILE A 114 -18.87 2.20 -7.01
N LEU A 115 -19.87 1.42 -7.44
CA LEU A 115 -19.71 -0.03 -7.51
C LEU A 115 -19.03 -0.30 -8.84
N VAL A 116 -17.84 -0.90 -8.79
CA VAL A 116 -17.02 -1.16 -9.98
C VAL A 116 -16.83 -2.66 -10.29
N GLY A 117 -17.35 -3.09 -11.43
CA GLY A 117 -17.18 -4.46 -11.89
C GLY A 117 -15.90 -4.59 -12.70
N ASN A 118 -14.86 -5.16 -12.09
CA ASN A 118 -13.55 -5.36 -12.70
CA ASN A 118 -13.58 -5.31 -12.77
C ASN A 118 -13.51 -6.65 -13.55
N LYS A 119 -12.46 -6.81 -14.41
CA LYS A 119 -12.18 -7.97 -15.23
C LYS A 119 -13.28 -8.28 -16.22
N LYS A 120 -13.88 -7.21 -16.78
CA LYS A 120 -14.99 -7.35 -17.70
C LYS A 120 -14.65 -8.13 -18.98
N ASP A 121 -13.35 -8.18 -19.36
CA ASP A 121 -12.88 -8.94 -20.51
C ASP A 121 -13.12 -10.45 -20.30
N LEU A 122 -13.10 -10.91 -19.05
CA LEU A 122 -13.36 -12.30 -18.69
C LEU A 122 -14.82 -12.72 -18.88
N ARG A 123 -15.74 -11.78 -19.10
CA ARG A 123 -17.15 -12.12 -19.34
C ARG A 123 -17.29 -12.99 -20.60
N ASN A 124 -16.41 -12.81 -21.59
CA ASN A 124 -16.43 -13.63 -22.79
C ASN A 124 -15.09 -14.36 -22.95
N ASP A 125 -14.69 -15.07 -21.88
CA ASP A 125 -13.49 -15.87 -21.87
C ASP A 125 -13.87 -17.36 -21.88
N GLU A 126 -13.20 -18.15 -22.72
CA GLU A 126 -13.47 -19.58 -22.83
C GLU A 126 -13.16 -20.32 -21.53
N HIS A 127 -11.94 -20.16 -20.99
CA HIS A 127 -11.53 -20.83 -19.77
C HIS A 127 -12.39 -20.42 -18.57
N THR A 128 -12.76 -19.13 -18.50
CA THR A 128 -13.59 -18.58 -17.43
C THR A 128 -14.99 -19.18 -17.41
N ARG A 129 -15.69 -19.16 -18.57
CA ARG A 129 -17.04 -19.72 -18.65
C ARG A 129 -17.04 -21.21 -18.31
N ARG A 130 -16.03 -21.97 -18.79
CA ARG A 130 -15.93 -23.40 -18.48
C ARG A 130 -15.67 -23.62 -16.98
N GLU A 131 -14.66 -22.96 -16.40
CA GLU A 131 -14.33 -23.10 -14.97
C GLU A 131 -15.50 -22.74 -14.06
N LEU A 132 -16.26 -21.70 -14.42
CA LEU A 132 -17.42 -21.29 -13.63
C LEU A 132 -18.54 -22.29 -13.74
N ALA A 133 -18.74 -22.88 -14.93
CA ALA A 133 -19.80 -23.88 -15.14
C ALA A 133 -19.61 -25.13 -14.29
N LYS A 134 -18.37 -25.47 -13.92
CA LYS A 134 -18.09 -26.61 -13.04
C LYS A 134 -18.52 -26.39 -11.57
N MET A 135 -19.06 -25.17 -11.26
CA MET A 135 -19.58 -24.82 -9.94
C MET A 135 -21.01 -24.29 -9.98
N LYS A 136 -21.76 -24.59 -11.07
CA LYS A 136 -23.14 -24.17 -11.33
C LYS A 136 -23.25 -22.65 -11.31
N GLN A 137 -22.31 -21.97 -11.99
CA GLN A 137 -22.24 -20.52 -12.03
C GLN A 137 -21.87 -19.97 -13.43
N GLU A 138 -22.05 -18.66 -13.62
CA GLU A 138 -21.69 -17.98 -14.86
C GLU A 138 -21.22 -16.54 -14.58
N PRO A 139 -20.40 -15.91 -15.46
CA PRO A 139 -19.96 -14.54 -15.20
C PRO A 139 -21.09 -13.57 -14.86
N VAL A 140 -20.81 -12.63 -13.96
CA VAL A 140 -21.73 -11.60 -13.51
C VAL A 140 -22.21 -10.79 -14.70
N LYS A 141 -23.52 -10.80 -14.94
CA LYS A 141 -24.13 -10.06 -16.04
C LYS A 141 -24.22 -8.56 -15.73
N PRO A 142 -24.27 -7.72 -16.77
CA PRO A 142 -24.37 -6.26 -16.53
C PRO A 142 -25.59 -5.85 -15.71
N GLU A 143 -26.74 -6.50 -15.93
CA GLU A 143 -27.95 -6.20 -15.15
C GLU A 143 -27.82 -6.60 -13.68
N GLU A 144 -27.00 -7.61 -13.37
CA GLU A 144 -26.80 -8.04 -11.99
C GLU A 144 -25.97 -7.03 -11.20
N GLY A 145 -24.96 -6.45 -11.85
CA GLY A 145 -24.13 -5.41 -11.24
C GLY A 145 -24.95 -4.16 -11.02
N ARG A 146 -25.75 -3.76 -12.03
CA ARG A 146 -26.61 -2.58 -11.90
C ARG A 146 -27.62 -2.76 -10.75
N ASP A 147 -28.22 -3.96 -10.66
CA ASP A 147 -29.18 -4.29 -9.61
C ASP A 147 -28.54 -4.15 -8.23
N MET A 148 -27.37 -4.75 -8.03
CA MET A 148 -26.64 -4.66 -6.79
C MET A 148 -26.29 -3.21 -6.39
N ALA A 149 -25.87 -2.38 -7.36
CA ALA A 149 -25.57 -0.98 -7.07
C ALA A 149 -26.83 -0.24 -6.59
N ASN A 150 -27.99 -0.57 -7.14
CA ASN A 150 -29.26 0.03 -6.70
C ASN A 150 -29.57 -0.38 -5.27
N ARG A 151 -29.52 -1.69 -5.00
CA ARG A 151 -29.76 -2.31 -3.71
C ARG A 151 -28.90 -1.69 -2.59
N ILE A 152 -27.61 -1.41 -2.88
CA ILE A 152 -26.74 -0.83 -1.86
C ILE A 152 -26.68 0.71 -1.86
N GLY A 153 -27.44 1.36 -2.73
CA GLY A 153 -27.49 2.81 -2.78
C GLY A 153 -26.21 3.43 -3.29
N ALA A 154 -25.57 2.79 -4.27
CA ALA A 154 -24.36 3.31 -4.87
C ALA A 154 -24.67 4.57 -5.66
N PHE A 155 -23.68 5.47 -5.73
CA PHE A 155 -23.75 6.69 -6.54
C PHE A 155 -23.89 6.28 -8.03
N GLY A 156 -23.17 5.23 -8.42
CA GLY A 156 -23.27 4.68 -9.77
C GLY A 156 -22.65 3.30 -9.88
N TYR A 157 -22.84 2.66 -11.04
CA TYR A 157 -22.29 1.35 -11.37
C TYR A 157 -21.47 1.47 -12.66
N MET A 158 -20.23 0.98 -12.62
CA MET A 158 -19.35 1.05 -13.78
C MET A 158 -18.60 -0.26 -13.98
N GLU A 159 -18.12 -0.48 -15.18
CA GLU A 159 -17.34 -1.68 -15.50
C GLU A 159 -16.04 -1.31 -16.17
N CYS A 160 -15.00 -2.10 -15.95
CA CYS A 160 -13.70 -1.85 -16.57
C CYS A 160 -12.89 -3.13 -16.72
N SER A 161 -11.76 -3.04 -17.43
CA SER A 161 -10.84 -4.14 -17.62
C SER A 161 -9.45 -3.58 -17.48
N ALA A 162 -8.77 -3.79 -16.33
CA ALA A 162 -7.38 -3.31 -16.14
C ALA A 162 -6.44 -3.90 -17.19
N LYS A 163 -6.70 -5.15 -17.62
CA LYS A 163 -5.86 -5.84 -18.61
C LYS A 163 -5.83 -5.13 -19.95
N THR A 164 -6.99 -4.78 -20.48
CA THR A 164 -7.08 -4.08 -21.76
C THR A 164 -7.20 -2.55 -21.64
N LYS A 165 -7.12 -2.01 -20.40
CA LYS A 165 -7.22 -0.58 -20.09
C LYS A 165 -8.60 0.05 -20.43
N ASP A 166 -9.57 -0.75 -20.90
CA ASP A 166 -10.90 -0.30 -21.26
C ASP A 166 -11.77 0.07 -20.06
N GLY A 167 -12.23 1.32 -20.01
CA GLY A 167 -13.10 1.79 -18.93
C GLY A 167 -12.39 2.33 -17.72
N VAL A 168 -11.05 2.18 -17.64
CA VAL A 168 -10.25 2.62 -16.49
C VAL A 168 -10.22 4.14 -16.32
N ARG A 169 -9.91 4.91 -17.37
CA ARG A 169 -9.90 6.37 -17.28
C ARG A 169 -11.25 6.94 -16.80
N GLU A 170 -12.36 6.47 -17.37
CA GLU A 170 -13.73 6.89 -17.05
C GLU A 170 -14.15 6.65 -15.63
N VAL A 171 -13.71 5.54 -15.01
CA VAL A 171 -13.99 5.23 -13.60
C VAL A 171 -13.33 6.29 -12.72
N PHE A 172 -12.06 6.63 -13.00
CA PHE A 172 -11.36 7.62 -12.19
C PHE A 172 -11.82 9.05 -12.43
N GLU A 173 -12.33 9.38 -13.63
CA GLU A 173 -12.85 10.71 -13.86
C GLU A 173 -14.20 10.87 -13.13
N MET A 174 -15.03 9.80 -13.13
CA MET A 174 -16.31 9.76 -12.44
C MET A 174 -16.12 9.84 -10.95
N ALA A 175 -15.15 9.09 -10.41
CA ALA A 175 -14.79 9.09 -8.99
C ALA A 175 -14.39 10.50 -8.53
N THR A 176 -13.72 11.27 -9.40
CA THR A 176 -13.32 12.64 -9.11
C THR A 176 -14.55 13.51 -9.01
N ARG A 177 -15.50 13.33 -9.92
CA ARG A 177 -16.77 14.05 -9.96
C ARG A 177 -17.60 13.74 -8.71
N ALA A 178 -17.59 12.48 -8.23
CA ALA A 178 -18.32 12.10 -7.03
C ALA A 178 -17.70 12.74 -5.81
N ALA A 179 -16.38 12.79 -5.74
CA ALA A 179 -15.64 13.42 -4.62
C ALA A 179 -15.94 14.93 -4.53
N LEU A 180 -16.15 15.57 -5.70
CA LEU A 180 -16.42 17.00 -5.82
C LEU A 180 -17.82 17.42 -5.35
N GLN A 181 -18.81 16.50 -5.37
CA GLN A 181 -20.18 16.82 -4.92
C GLN A 181 -20.28 17.03 -3.39
N ALA A 182 -21.16 17.97 -2.98
CA ALA A 182 -21.40 18.30 -1.57
C ALA A 182 -22.89 18.52 -1.31
N SER B 1 17.46 9.18 1.68
CA SER B 1 17.98 8.14 0.80
CA SER B 1 17.94 8.17 0.72
C SER B 1 19.32 8.52 0.19
N MET B 2 20.12 7.50 -0.11
CA MET B 2 21.43 7.71 -0.65
C MET B 2 21.42 7.27 -2.09
N GLU B 3 22.00 8.12 -2.97
CA GLU B 3 22.09 7.96 -4.41
C GLU B 3 22.46 6.54 -4.83
N MET B 4 23.37 5.90 -4.08
CA MET B 4 23.84 4.55 -4.32
CA MET B 4 23.81 4.55 -4.36
C MET B 4 22.66 3.57 -4.39
N ASP B 5 21.80 3.59 -3.36
CA ASP B 5 20.64 2.71 -3.25
C ASP B 5 19.50 3.13 -4.18
N GLU B 6 19.31 4.44 -4.39
CA GLU B 6 18.27 4.92 -5.32
C GLU B 6 18.59 4.46 -6.73
N LYS B 7 19.87 4.45 -7.12
CA LYS B 7 20.23 4.01 -8.48
C LYS B 7 20.05 2.51 -8.59
N ASP B 8 20.57 1.74 -7.62
CA ASP B 8 20.42 0.29 -7.62
C ASP B 8 18.96 -0.15 -7.67
N PHE B 9 18.02 0.70 -7.23
CA PHE B 9 16.60 0.37 -7.26
C PHE B 9 15.74 1.32 -8.09
N ALA B 10 16.32 1.93 -9.11
CA ALA B 10 15.59 2.86 -9.98
C ALA B 10 14.73 2.16 -11.02
N ALA B 11 15.11 0.94 -11.44
CA ALA B 11 14.39 0.20 -12.46
C ALA B 11 13.07 -0.36 -11.96
N ASP B 12 12.12 -0.57 -12.88
CA ASP B 12 10.83 -1.11 -12.55
C ASP B 12 10.86 -2.58 -12.13
N SER B 13 11.93 -3.32 -12.48
CA SER B 13 12.05 -4.73 -12.11
C SER B 13 13.52 -5.21 -12.06
N TRP B 14 13.78 -6.41 -11.49
CA TRP B 14 15.12 -7.00 -11.45
C TRP B 14 15.60 -7.30 -12.88
N SER B 15 14.69 -7.77 -13.75
CA SER B 15 15.03 -8.08 -15.15
C SER B 15 15.53 -6.86 -15.95
N LEU B 16 15.13 -5.64 -15.52
CA LEU B 16 15.56 -4.38 -16.08
C LEU B 16 16.77 -3.77 -15.32
N ALA B 17 16.91 -4.07 -14.01
CA ALA B 17 18.03 -3.59 -13.19
C ALA B 17 19.35 -4.27 -13.57
N VAL B 18 19.34 -5.59 -13.79
CA VAL B 18 20.56 -6.32 -14.20
C VAL B 18 20.90 -6.08 -15.70
N ASP B 19 22.14 -6.38 -16.11
CA ASP B 19 22.58 -6.28 -17.50
C ASP B 19 21.82 -7.34 -18.28
N SER B 20 21.39 -7.04 -19.52
CA SER B 20 20.64 -8.01 -20.35
C SER B 20 21.42 -9.30 -20.66
N SER B 21 22.76 -9.22 -20.76
CA SER B 21 23.57 -10.42 -21.00
C SER B 21 23.68 -11.32 -19.75
N PHE B 22 23.29 -10.81 -18.58
CA PHE B 22 23.27 -11.53 -17.31
C PHE B 22 21.89 -12.18 -17.16
N LEU B 23 20.83 -11.43 -17.49
CA LEU B 23 19.43 -11.88 -17.49
C LEU B 23 19.30 -13.12 -18.40
N GLN B 24 19.92 -13.06 -19.60
CA GLN B 24 19.96 -14.14 -20.59
C GLN B 24 20.51 -15.45 -20.05
N GLN B 25 21.29 -15.40 -18.98
CA GLN B 25 21.89 -16.60 -18.39
C GLN B 25 20.96 -17.33 -17.42
N HIS B 26 19.78 -16.76 -17.09
CA HIS B 26 18.90 -17.37 -16.11
C HIS B 26 17.62 -17.95 -16.65
N LYS B 27 17.11 -18.97 -15.96
CA LYS B 27 15.82 -19.60 -16.29
C LYS B 27 14.70 -18.65 -15.92
N LYS B 28 13.58 -18.72 -16.64
CA LYS B 28 12.42 -17.87 -16.40
C LYS B 28 11.93 -17.84 -14.96
N GLU B 29 11.90 -19.01 -14.29
CA GLU B 29 11.44 -19.10 -12.91
C GLU B 29 12.32 -18.31 -11.94
N VAL B 30 13.63 -18.23 -12.23
CA VAL B 30 14.58 -17.46 -11.44
C VAL B 30 14.27 -15.99 -11.59
N MET B 31 14.08 -15.52 -12.84
CA MET B 31 13.75 -14.13 -13.12
C MET B 31 12.48 -13.69 -12.36
N LYS B 32 11.43 -14.54 -12.37
CA LYS B 32 10.18 -14.25 -11.67
C LYS B 32 10.42 -14.17 -10.16
N GLN B 33 11.15 -15.10 -9.57
CA GLN B 33 11.48 -15.07 -8.14
C GLN B 33 12.25 -13.77 -7.80
N GLN B 34 13.27 -13.44 -8.62
CA GLN B 34 14.11 -12.28 -8.40
C GLN B 34 13.37 -10.96 -8.55
N ASP B 35 12.40 -10.89 -9.45
CA ASP B 35 11.60 -9.68 -9.63
C ASP B 35 10.79 -9.35 -8.35
N VAL B 36 10.19 -10.37 -7.69
CA VAL B 36 9.41 -10.14 -6.46
C VAL B 36 10.34 -9.80 -5.27
N ILE B 37 11.53 -10.45 -5.23
CA ILE B 37 12.52 -10.15 -4.19
C ILE B 37 12.99 -8.70 -4.32
N TYR B 38 13.23 -8.25 -5.57
CA TYR B 38 13.63 -6.87 -5.86
C TYR B 38 12.54 -5.90 -5.41
N GLU B 39 11.26 -6.27 -5.64
CA GLU B 39 10.16 -5.43 -5.21
C GLU B 39 10.11 -5.34 -3.69
N LEU B 40 10.43 -6.43 -2.97
CA LEU B 40 10.43 -6.39 -1.51
C LEU B 40 11.48 -5.37 -1.00
N ILE B 41 12.71 -5.42 -1.51
CA ILE B 41 13.74 -4.49 -1.10
C ILE B 41 13.41 -3.08 -1.56
N GLN B 42 12.96 -2.91 -2.80
CA GLN B 42 12.62 -1.60 -3.33
C GLN B 42 11.52 -0.90 -2.50
N THR B 43 10.45 -1.62 -2.13
CA THR B 43 9.38 -1.02 -1.33
C THR B 43 9.82 -0.83 0.15
N GLU B 44 10.79 -1.65 0.63
CA GLU B 44 11.35 -1.48 1.97
C GLU B 44 12.23 -0.21 2.04
N LEU B 45 12.94 0.11 0.94
CA LEU B 45 13.76 1.31 0.81
C LEU B 45 12.83 2.54 0.84
N HIS B 46 11.69 2.47 0.14
CA HIS B 46 10.71 3.57 0.11
C HIS B 46 10.05 3.78 1.50
N HIS B 47 9.79 2.69 2.21
CA HIS B 47 9.18 2.74 3.52
C HIS B 47 10.14 3.38 4.50
N VAL B 48 11.45 3.05 4.41
CA VAL B 48 12.49 3.63 5.28
C VAL B 48 12.70 5.12 4.92
N ARG B 49 12.62 5.45 3.63
CA ARG B 49 12.68 6.83 3.13
C ARG B 49 11.48 7.65 3.69
N THR B 50 10.32 7.02 3.85
CA THR B 50 9.11 7.63 4.42
C THR B 50 9.32 7.97 5.90
N LEU B 51 9.81 6.99 6.67
CA LEU B 51 10.08 7.20 8.08
C LEU B 51 11.16 8.29 8.28
N LYS B 52 12.11 8.46 7.31
CA LYS B 52 13.14 9.49 7.40
C LYS B 52 12.56 10.89 7.16
N ILE B 53 11.54 10.99 6.30
CA ILE B 53 10.83 12.24 6.04
C ILE B 53 10.08 12.62 7.32
N MET B 54 9.44 11.66 7.98
CA MET B 54 8.73 11.89 9.23
C MET B 54 9.63 12.35 10.35
N THR B 55 10.78 11.70 10.57
CA THR B 55 11.68 12.09 11.66
C THR B 55 12.51 13.35 11.34
N ARG B 56 13.24 13.35 10.21
CA ARG B 56 14.14 14.45 9.88
C ARG B 56 13.48 15.70 9.35
N LEU B 57 12.50 15.55 8.46
CA LEU B 57 11.88 16.70 7.82
C LEU B 57 10.66 17.26 8.57
N PHE B 58 9.73 16.39 8.95
CA PHE B 58 8.54 16.80 9.66
C PHE B 58 8.80 17.06 11.16
N ARG B 59 9.06 16.00 11.95
CA ARG B 59 9.31 16.06 13.39
C ARG B 59 10.46 17.00 13.81
N THR B 60 11.68 16.82 13.24
CA THR B 60 12.80 17.66 13.61
C THR B 60 12.62 19.12 13.13
N GLY B 61 11.98 19.29 11.96
CA GLY B 61 11.72 20.63 11.43
C GLY B 61 10.78 21.42 12.32
N MET B 62 9.79 20.73 12.93
CA MET B 62 8.84 21.34 13.84
C MET B 62 9.49 21.68 15.18
N LEU B 63 10.48 20.89 15.60
CA LEU B 63 11.19 21.14 16.85
C LEU B 63 12.16 22.32 16.74
N GLU B 64 12.78 22.48 15.57
CA GLU B 64 13.74 23.55 15.36
C GLU B 64 13.19 24.86 14.79
N GLU B 65 12.07 24.82 14.05
N GLU B 65 12.32 24.81 13.77
CA GLU B 65 11.48 26.03 13.48
CA GLU B 65 11.86 26.04 13.13
C GLU B 65 10.17 26.50 14.15
C GLU B 65 10.63 26.65 13.78
N LEU B 66 9.49 25.65 14.94
N LEU B 66 9.70 25.81 14.26
CA LEU B 66 8.24 26.04 15.59
CA LEU B 66 8.51 26.32 14.95
C LEU B 66 8.32 26.05 17.12
C LEU B 66 8.68 26.35 16.47
N HIS B 67 7.36 26.74 17.78
N HIS B 67 9.69 25.63 17.03
CA HIS B 67 7.32 26.84 19.24
CA HIS B 67 9.97 25.53 18.46
C HIS B 67 6.13 26.02 19.80
C HIS B 67 8.78 24.98 19.25
N LEU B 68 5.90 24.82 19.23
N LEU B 68 8.03 24.06 18.63
CA LEU B 68 4.80 23.94 19.62
CA LEU B 68 6.85 23.45 19.23
C LEU B 68 4.90 23.48 21.07
C LEU B 68 7.20 22.53 20.40
N GLU B 69 3.74 23.30 21.74
N GLU B 69 6.32 22.44 21.40
CA GLU B 69 3.69 22.87 23.14
CA GLU B 69 6.51 21.60 22.58
C GLU B 69 4.31 21.49 23.34
C GLU B 69 6.63 20.13 22.18
N PRO B 70 4.96 21.23 24.50
N PRO B 70 7.47 19.35 22.87
CA PRO B 70 5.59 19.92 24.70
CA PRO B 70 7.65 17.94 22.49
C PRO B 70 4.58 18.77 24.65
C PRO B 70 6.40 17.08 22.62
N GLY B 71 4.89 17.77 23.84
N GLY B 71 5.47 17.46 23.49
CA GLY B 71 4.01 16.63 23.65
CA GLY B 71 4.23 16.72 23.66
C GLY B 71 3.17 16.69 22.38
C GLY B 71 3.27 16.85 22.49
N VAL B 72 3.10 17.89 21.74
N VAL B 72 3.34 17.97 21.76
CA VAL B 72 2.36 18.08 20.49
CA VAL B 72 2.50 18.20 20.60
C VAL B 72 3.06 17.33 19.34
C VAL B 72 3.06 17.42 19.41
N VAL B 73 4.37 17.55 19.17
CA VAL B 73 5.11 16.88 18.10
C VAL B 73 5.12 15.35 18.27
N GLN B 74 5.18 14.86 19.52
CA GLN B 74 5.17 13.43 19.81
CA GLN B 74 5.17 13.42 19.82
C GLN B 74 3.83 12.82 19.42
N GLY B 75 2.75 13.54 19.69
CA GLY B 75 1.39 13.11 19.35
C GLY B 75 1.15 13.07 17.86
N LEU B 76 1.86 13.92 17.09
CA LEU B 76 1.77 13.97 15.62
C LEU B 76 2.52 12.80 14.98
N PHE B 77 3.66 12.41 15.55
CA PHE B 77 4.50 11.32 15.02
C PHE B 77 4.84 10.29 16.10
N PRO B 78 3.87 9.48 16.55
CA PRO B 78 4.18 8.50 17.60
C PRO B 78 5.13 7.39 17.11
N CYS B 79 6.04 6.90 17.98
CA CYS B 79 7.00 5.80 17.76
C CYS B 79 7.86 5.90 16.49
N VAL B 80 7.97 7.06 15.85
CA VAL B 80 8.70 7.19 14.59
CA VAL B 80 8.67 7.19 14.59
C VAL B 80 10.18 6.85 14.71
N ASP B 81 10.80 7.15 15.86
CA ASP B 81 12.20 6.82 16.07
C ASP B 81 12.37 5.31 16.22
N GLU B 82 11.47 4.66 16.95
CA GLU B 82 11.54 3.21 17.14
CA GLU B 82 11.55 3.21 17.14
C GLU B 82 11.29 2.48 15.84
N LEU B 83 10.32 2.97 15.03
CA LEU B 83 9.95 2.43 13.71
C LEU B 83 11.12 2.61 12.73
N SER B 84 11.78 3.77 12.78
CA SER B 84 12.91 4.03 11.90
C SER B 84 14.11 3.16 12.23
N ASP B 85 14.32 2.84 13.52
CA ASP B 85 15.40 1.94 13.91
C ASP B 85 15.12 0.51 13.48
N ILE B 86 13.88 0.02 13.69
CA ILE B 86 13.45 -1.34 13.30
C ILE B 86 13.63 -1.57 11.80
N HIS B 87 13.10 -0.65 10.96
CA HIS B 87 13.14 -0.84 9.53
C HIS B 87 14.49 -0.47 8.90
N THR B 88 15.26 0.50 9.44
CA THR B 88 16.60 0.79 8.86
C THR B 88 17.54 -0.43 9.02
N ARG B 89 17.44 -1.15 10.16
CA ARG B 89 18.24 -2.33 10.37
C ARG B 89 17.83 -3.44 9.40
N PHE B 90 16.51 -3.64 9.19
CA PHE B 90 16.00 -4.68 8.30
C PHE B 90 16.40 -4.38 6.87
N LEU B 91 16.33 -3.09 6.46
CA LEU B 91 16.77 -2.66 5.13
C LEU B 91 18.29 -2.94 4.98
N SER B 92 19.08 -2.61 6.01
CA SER B 92 20.52 -2.83 5.97
CA SER B 92 20.53 -2.82 5.97
C SER B 92 20.88 -4.29 5.70
N GLN B 93 20.10 -5.23 6.26
CA GLN B 93 20.35 -6.65 6.06
C GLN B 93 19.97 -7.16 4.67
N LEU B 94 18.91 -6.57 4.09
CA LEU B 94 18.44 -6.90 2.75
C LEU B 94 19.45 -6.37 1.74
N LEU B 95 19.94 -5.13 1.95
CA LEU B 95 20.92 -4.54 1.05
C LEU B 95 22.26 -5.27 1.12
N GLU B 96 22.64 -5.78 2.33
CA GLU B 96 23.92 -6.50 2.51
C GLU B 96 23.90 -7.88 1.84
N ARG B 97 22.74 -8.55 1.90
CA ARG B 97 22.49 -9.84 1.29
C ARG B 97 22.63 -9.66 -0.28
N ARG B 98 22.04 -8.58 -0.83
CA ARG B 98 22.14 -8.25 -2.25
C ARG B 98 23.59 -8.00 -2.67
N ARG B 99 24.35 -7.26 -1.83
CA ARG B 99 25.73 -6.91 -2.11
CA ARG B 99 25.73 -6.90 -2.08
C ARG B 99 26.66 -8.12 -2.10
N GLN B 100 26.48 -9.03 -1.12
CA GLN B 100 27.30 -10.25 -1.08
C GLN B 100 27.06 -11.10 -2.34
N ALA B 101 25.85 -11.01 -2.93
CA ALA B 101 25.43 -11.77 -4.10
C ALA B 101 25.91 -11.17 -5.43
N LEU B 102 26.42 -9.92 -5.44
CA LEU B 102 26.90 -9.29 -6.67
C LEU B 102 28.04 -10.07 -7.27
N CYS B 103 28.10 -10.16 -8.61
CA CYS B 103 29.21 -10.80 -9.30
C CYS B 103 30.44 -9.91 -9.21
N PRO B 104 31.68 -10.46 -9.12
CA PRO B 104 32.87 -9.60 -9.18
C PRO B 104 32.90 -8.75 -10.46
N GLY B 105 33.31 -7.49 -10.33
CA GLY B 105 33.33 -6.54 -11.43
C GLY B 105 31.98 -5.95 -11.78
N SER B 106 30.96 -6.24 -10.96
CA SER B 106 29.62 -5.75 -11.21
C SER B 106 29.03 -5.13 -9.96
N THR B 107 28.21 -4.08 -10.14
CA THR B 107 27.44 -3.43 -9.08
C THR B 107 25.93 -3.57 -9.29
N ARG B 108 25.48 -4.31 -10.31
CA ARG B 108 24.05 -4.51 -10.56
C ARG B 108 23.61 -5.95 -10.76
N ASN B 109 24.53 -6.84 -11.21
CA ASN B 109 24.18 -8.23 -11.48
C ASN B 109 24.31 -9.10 -10.25
N PHE B 110 23.18 -9.59 -9.73
CA PHE B 110 23.16 -10.43 -8.54
C PHE B 110 21.95 -11.38 -8.57
N VAL B 111 21.99 -12.45 -7.79
CA VAL B 111 20.88 -13.39 -7.60
C VAL B 111 20.79 -13.75 -6.10
N ILE B 112 19.68 -13.45 -5.45
CA ILE B 112 19.46 -13.79 -4.04
C ILE B 112 18.80 -15.16 -3.96
N HIS B 113 19.56 -16.17 -3.57
CA HIS B 113 19.06 -17.53 -3.47
C HIS B 113 18.48 -17.87 -2.11
N ARG B 114 18.92 -17.18 -1.05
N ARG B 114 18.94 -17.18 -1.07
CA ARG B 114 18.47 -17.51 0.32
CA ARG B 114 18.50 -17.44 0.30
C ARG B 114 17.89 -16.30 1.05
C ARG B 114 17.94 -16.18 0.91
N LEU B 115 16.59 -16.12 1.00
N LEU B 115 16.63 -16.12 1.07
CA LEU B 115 15.94 -14.98 1.65
CA LEU B 115 15.96 -14.96 1.66
C LEU B 115 15.14 -15.38 2.89
C LEU B 115 15.14 -15.37 2.89
N GLY B 116 14.54 -16.56 2.85
CA GLY B 116 13.72 -17.07 3.94
C GLY B 116 14.37 -17.04 5.31
N ASP B 117 15.67 -17.34 5.41
CA ASP B 117 16.37 -17.31 6.68
CA ASP B 117 16.37 -17.31 6.68
C ASP B 117 16.38 -15.90 7.28
N LEU B 118 16.63 -14.88 6.44
CA LEU B 118 16.66 -13.47 6.84
C LEU B 118 15.24 -13.05 7.31
N LEU B 119 14.19 -13.50 6.61
CA LEU B 119 12.83 -13.20 6.99
C LEU B 119 12.42 -13.90 8.29
N ILE B 120 12.89 -15.14 8.55
CA ILE B 120 12.60 -15.82 9.82
C ILE B 120 13.23 -15.06 10.98
N SER B 121 14.47 -14.56 10.80
CA SER B 121 15.17 -13.77 11.81
CA SER B 121 15.15 -13.78 11.83
C SER B 121 14.39 -12.49 12.14
N GLN B 122 13.94 -11.77 11.09
CA GLN B 122 13.21 -10.52 11.28
C GLN B 122 11.86 -10.70 12.01
N PHE B 123 11.08 -11.72 11.62
CA PHE B 123 9.75 -11.90 12.17
C PHE B 123 9.68 -12.91 13.31
N SER B 124 10.77 -13.06 14.06
CA SER B 124 10.82 -13.97 15.22
C SER B 124 11.77 -13.41 16.29
N GLY B 125 11.61 -13.89 17.52
CA GLY B 125 12.44 -13.46 18.64
C GLY B 125 12.20 -12.02 19.05
N PRO B 126 13.22 -11.42 19.69
CA PRO B 126 13.11 -10.03 20.13
C PRO B 126 12.71 -9.03 19.06
N SER B 127 13.29 -9.12 17.84
CA SER B 127 12.90 -8.21 16.76
C SER B 127 11.39 -8.26 16.45
N ALA B 128 10.73 -9.46 16.54
CA ALA B 128 9.29 -9.59 16.29
C ALA B 128 8.48 -8.96 17.41
N GLU B 129 8.95 -9.10 18.67
CA GLU B 129 8.34 -8.52 19.87
C GLU B 129 8.35 -6.99 19.78
N GLN B 130 9.44 -6.43 19.30
CA GLN B 130 9.59 -5.00 19.19
CA GLN B 130 9.64 -5.00 19.15
C GLN B 130 8.71 -4.45 18.05
N MET B 131 8.55 -5.18 16.95
CA MET B 131 7.66 -4.74 15.86
C MET B 131 6.19 -4.78 16.31
N CYS B 132 5.78 -5.88 16.99
CA CYS B 132 4.42 -6.03 17.47
C CYS B 132 4.04 -4.91 18.42
N LYS B 133 4.90 -4.64 19.40
CA LYS B 133 4.75 -3.61 20.43
C LYS B 133 4.71 -2.18 19.84
N THR B 134 5.60 -1.91 18.87
CA THR B 134 5.70 -0.59 18.22
C THR B 134 4.53 -0.33 17.28
N TYR B 135 4.08 -1.35 16.52
CA TYR B 135 2.94 -1.18 15.63
C TYR B 135 1.62 -1.17 16.40
N SER B 136 1.53 -1.92 17.52
CA SER B 136 0.30 -1.88 18.34
C SER B 136 0.14 -0.46 18.93
N GLU B 137 1.26 0.17 19.33
CA GLU B 137 1.30 1.52 19.85
C GLU B 137 1.17 2.47 18.68
N CYS B 139 -0.54 3.09 15.52
CA CYS B 139 -1.79 2.47 15.02
C CYS B 139 -2.92 2.76 15.97
N SER B 140 -2.71 2.57 17.29
CA SER B 140 -3.70 2.99 18.29
C SER B 140 -3.72 4.53 18.39
N ARG B 141 -2.59 5.20 18.03
CA ARG B 141 -2.44 6.65 18.05
C ARG B 141 -2.57 7.30 16.66
N HIS B 142 -2.86 6.50 15.62
CA HIS B 142 -3.00 6.92 14.22
C HIS B 142 -4.08 7.99 14.04
N SER B 143 -5.29 7.76 14.56
CA SER B 143 -6.38 8.72 14.40
CA SER B 143 -6.38 8.72 14.40
C SER B 143 -6.12 10.01 15.16
N LYS B 144 -5.61 9.91 16.40
CA LYS B 144 -5.33 11.08 17.23
C LYS B 144 -4.28 11.98 16.55
N ALA B 145 -3.28 11.37 15.88
CA ALA B 145 -2.23 12.07 15.14
C ALA B 145 -2.84 12.89 14.00
N LEU B 146 -3.80 12.29 13.25
CA LEU B 146 -4.53 12.91 12.13
C LEU B 146 -5.41 14.06 12.60
N LYS B 147 -6.12 13.89 13.74
CA LYS B 147 -6.95 14.94 14.30
C LYS B 147 -6.07 16.09 14.77
N LEU B 148 -4.97 15.78 15.45
CA LEU B 148 -4.01 16.79 15.90
C LEU B 148 -3.45 17.61 14.73
N TYR B 149 -3.07 16.94 13.64
CA TYR B 149 -2.56 17.59 12.45
C TYR B 149 -3.62 18.53 11.85
N LYS B 150 -4.87 18.05 11.70
CA LYS B 150 -6.01 18.80 11.16
C LYS B 150 -6.35 20.03 11.99
N GLU B 151 -6.33 19.88 13.31
CA GLU B 151 -6.60 20.99 14.24
CA GLU B 151 -6.61 21.00 14.22
C GLU B 151 -5.54 22.10 14.07
N LEU B 152 -4.25 21.72 14.05
CA LEU B 152 -3.14 22.68 13.91
C LEU B 152 -3.08 23.39 12.56
N TYR B 153 -3.34 22.68 11.45
CA TYR B 153 -3.30 23.28 10.12
C TYR B 153 -4.36 24.38 9.97
N ALA B 154 -5.55 24.13 10.52
CA ALA B 154 -6.69 25.02 10.43
C ALA B 154 -6.77 26.11 11.50
N ARG B 155 -5.83 26.14 12.44
CA ARG B 155 -5.85 27.13 13.52
CA ARG B 155 -5.85 27.11 13.53
C ARG B 155 -4.50 27.85 13.71
N ASP B 156 -3.40 27.28 13.17
CA ASP B 156 -2.07 27.88 13.31
C ASP B 156 -1.44 28.35 12.00
N LYS B 157 -1.10 29.65 11.92
CA LYS B 157 -0.51 30.27 10.73
C LYS B 157 0.92 29.78 10.46
N ARG B 158 1.74 29.66 11.52
CA ARG B 158 3.12 29.21 11.35
C ARG B 158 3.22 27.73 11.00
N PHE B 159 2.27 26.91 11.52
CA PHE B 159 2.23 25.48 11.23
C PHE B 159 1.85 25.29 9.78
N GLN B 160 0.83 26.02 9.31
CA GLN B 160 0.39 25.98 7.93
C GLN B 160 1.55 26.42 7.01
N GLN B 161 2.25 27.53 7.33
CA GLN B 161 3.40 28.00 6.53
C GLN B 161 4.54 26.98 6.51
N PHE B 162 4.80 26.30 7.62
CA PHE B 162 5.85 25.28 7.71
C PHE B 162 5.47 24.09 6.81
N ILE B 163 4.22 23.62 6.92
CA ILE B 163 3.74 22.49 6.14
C ILE B 163 3.83 22.80 4.64
N ARG B 164 3.27 23.95 4.23
CA ARG B 164 3.30 24.40 2.83
C ARG B 164 4.73 24.50 2.31
N LYS B 165 5.67 24.91 3.15
CA LYS B 165 7.08 25.04 2.81
C LYS B 165 7.82 23.68 2.65
N VAL B 166 7.73 22.76 3.64
CA VAL B 166 8.45 21.49 3.53
C VAL B 166 7.81 20.50 2.57
N THR B 167 6.54 20.68 2.21
CA THR B 167 5.88 19.74 1.30
C THR B 167 5.76 20.29 -0.14
N ARG B 168 6.35 21.48 -0.42
CA ARG B 168 6.29 22.12 -1.74
C ARG B 168 7.09 21.37 -2.84
N PRO B 169 8.26 20.77 -2.57
CA PRO B 169 8.97 20.03 -3.64
C PRO B 169 8.12 18.90 -4.22
N ALA B 170 8.27 18.65 -5.53
CA ALA B 170 7.53 17.60 -6.23
C ALA B 170 7.85 16.18 -5.70
N VAL B 171 9.01 15.98 -5.09
CA VAL B 171 9.38 14.68 -4.52
C VAL B 171 8.50 14.28 -3.33
N LEU B 172 7.83 15.25 -2.67
CA LEU B 172 6.96 14.96 -1.53
C LEU B 172 5.47 15.01 -1.91
N LYS B 173 5.14 14.87 -3.21
CA LYS B 173 3.76 14.94 -3.71
C LYS B 173 2.83 13.94 -3.00
N ARG B 174 3.23 12.67 -2.96
CA ARG B 174 2.45 11.62 -2.28
C ARG B 174 2.99 11.33 -0.85
N HIS B 175 3.77 12.27 -0.26
CA HIS B 175 4.39 12.06 1.03
C HIS B 175 4.15 13.16 2.04
N GLY B 176 2.90 13.59 2.20
CA GLY B 176 2.55 14.58 3.22
C GLY B 176 2.42 13.94 4.58
N VAL B 177 2.12 14.73 5.62
CA VAL B 177 2.00 14.22 6.99
C VAL B 177 1.03 13.02 7.13
N GLN B 178 -0.20 13.15 6.61
CA GLN B 178 -1.19 12.08 6.72
C GLN B 178 -0.92 10.91 5.81
N GLU B 179 -0.37 11.18 4.62
CA GLU B 179 0.03 10.15 3.65
C GLU B 179 1.14 9.28 4.29
N CYS B 180 2.08 9.91 5.00
CA CYS B 180 3.19 9.22 5.66
C CYS B 180 2.66 8.25 6.73
N ILE B 181 1.73 8.73 7.56
CA ILE B 181 1.12 7.95 8.62
C ILE B 181 0.39 6.70 8.07
N LEU B 182 -0.44 6.87 7.03
CA LEU B 182 -1.13 5.71 6.45
C LEU B 182 -0.16 4.79 5.72
N LEU B 183 0.88 5.33 5.07
CA LEU B 183 1.87 4.50 4.38
C LEU B 183 2.57 3.54 5.37
N VAL B 184 2.80 4.01 6.62
CA VAL B 184 3.42 3.23 7.68
C VAL B 184 2.43 2.19 8.21
N THR B 185 1.15 2.58 8.48
CA THR B 185 0.14 1.62 8.96
C THR B 185 -0.05 0.49 7.95
N GLN B 186 -0.12 0.80 6.66
CA GLN B 186 -0.33 -0.21 5.63
C GLN B 186 0.85 -1.11 5.32
N ARG B 187 2.09 -0.70 5.69
CA ARG B 187 3.29 -1.46 5.38
C ARG B 187 3.27 -2.90 5.88
N ILE B 188 2.89 -3.11 7.14
CA ILE B 188 2.88 -4.44 7.72
C ILE B 188 1.98 -5.42 6.97
N THR B 189 0.86 -4.96 6.40
CA THR B 189 -0.06 -5.82 5.66
C THR B 189 0.39 -6.11 4.21
N LYS B 190 1.53 -5.53 3.75
CA LYS B 190 2.12 -5.79 2.43
C LYS B 190 3.02 -7.03 2.49
N TYR B 191 3.67 -7.28 3.63
CA TYR B 191 4.59 -8.39 3.79
C TYR B 191 4.01 -9.75 3.39
N PRO B 192 2.81 -10.19 3.87
CA PRO B 192 2.29 -11.49 3.43
C PRO B 192 2.12 -11.57 1.91
N LEU B 193 1.72 -10.47 1.27
CA LEU B 193 1.51 -10.43 -0.18
CA LEU B 193 1.52 -10.45 -0.18
C LEU B 193 2.83 -10.68 -0.92
N LEU B 194 3.89 -9.96 -0.53
CA LEU B 194 5.21 -10.09 -1.14
C LEU B 194 5.81 -11.47 -0.88
N ILE B 195 5.75 -11.95 0.36
CA ILE B 195 6.31 -13.26 0.73
C ILE B 195 5.60 -14.44 0.02
N SER B 196 4.27 -14.39 -0.13
CA SER B 196 3.55 -15.49 -0.79
CA SER B 196 3.55 -15.48 -0.80
CA SER B 196 3.55 -15.49 -0.80
C SER B 196 3.90 -15.59 -2.29
N ARG B 197 4.17 -14.45 -2.95
CA ARG B 197 4.53 -14.44 -4.36
C ARG B 197 5.99 -14.85 -4.58
N ILE B 198 6.88 -14.56 -3.61
CA ILE B 198 8.26 -15.01 -3.61
C ILE B 198 8.24 -16.56 -3.41
N LEU B 199 7.40 -17.04 -2.49
CA LEU B 199 7.25 -18.46 -2.22
C LEU B 199 6.70 -19.19 -3.44
N GLN B 200 5.75 -18.58 -4.14
CA GLN B 200 5.16 -19.13 -5.37
C GLN B 200 6.24 -19.54 -6.40
N HIS B 201 7.39 -18.83 -6.40
CA HIS B 201 8.51 -19.07 -7.31
C HIS B 201 9.79 -19.58 -6.63
N SER B 202 9.66 -20.22 -5.46
CA SER B 202 10.82 -20.72 -4.73
C SER B 202 10.75 -22.21 -4.41
N HIS B 203 10.09 -22.98 -5.25
CA HIS B 203 9.97 -24.43 -5.05
C HIS B 203 11.23 -25.20 -5.54
N GLY B 204 12.14 -24.54 -6.24
CA GLY B 204 13.37 -25.13 -6.76
C GLY B 204 14.20 -25.81 -5.70
N ILE B 205 14.49 -25.10 -4.60
CA ILE B 205 15.24 -25.66 -3.48
CA ILE B 205 15.24 -25.66 -3.48
C ILE B 205 14.24 -25.85 -2.35
N GLU B 206 14.05 -27.10 -1.90
CA GLU B 206 13.08 -27.42 -0.84
C GLU B 206 13.32 -26.70 0.50
N GLU B 207 14.60 -26.48 0.90
CA GLU B 207 14.88 -25.77 2.14
C GLU B 207 14.38 -24.33 2.06
N GLU B 208 14.52 -23.69 0.89
CA GLU B 208 14.07 -22.32 0.65
C GLU B 208 12.55 -22.21 0.71
N ARG B 209 11.82 -23.19 0.12
CA ARG B 209 10.36 -23.20 0.14
C ARG B 209 9.89 -23.34 1.60
N GLN B 210 10.54 -24.21 2.39
CA GLN B 210 10.18 -24.37 3.79
C GLN B 210 10.52 -23.15 4.64
N ASP B 211 11.67 -22.47 4.37
CA ASP B 211 12.07 -21.28 5.10
C ASP B 211 11.03 -20.16 4.90
N LEU B 212 10.58 -19.97 3.65
CA LEU B 212 9.61 -18.98 3.24
C LEU B 212 8.23 -19.28 3.79
N THR B 213 7.86 -20.58 3.86
CA THR B 213 6.58 -21.01 4.41
C THR B 213 6.54 -20.66 5.91
N THR B 214 7.67 -20.90 6.62
CA THR B 214 7.78 -20.57 8.03
C THR B 214 7.71 -19.05 8.22
N ALA B 215 8.50 -18.30 7.42
CA ALA B 215 8.55 -16.84 7.46
C ALA B 215 7.17 -16.21 7.22
N LEU B 216 6.34 -16.82 6.33
CA LEU B 216 5.00 -16.34 6.06
C LEU B 216 4.08 -16.54 7.28
N GLY B 217 4.20 -17.71 7.92
CA GLY B 217 3.46 -18.01 9.15
C GLY B 217 3.80 -17.05 10.28
N LEU B 218 5.07 -16.64 10.35
CA LEU B 218 5.55 -15.70 11.34
C LEU B 218 4.96 -14.29 11.16
N VAL B 219 4.92 -13.77 9.90
CA VAL B 219 4.35 -12.46 9.59
C VAL B 219 2.86 -12.40 9.97
N LYS B 220 2.12 -13.46 9.61
CA LYS B 220 0.71 -13.56 9.88
C LYS B 220 0.43 -13.62 11.37
N GLU B 221 1.32 -14.27 12.17
CA GLU B 221 1.14 -14.32 13.62
CA GLU B 221 1.16 -14.32 13.63
C GLU B 221 1.36 -12.91 14.19
N LEU B 222 2.37 -12.19 13.68
CA LEU B 222 2.68 -10.82 14.06
C LEU B 222 1.47 -9.93 13.74
N LEU B 223 0.95 -9.98 12.49
CA LEU B 223 -0.20 -9.18 12.08
C LEU B 223 -1.44 -9.43 12.96
N SER B 224 -1.70 -10.70 13.29
CA SER B 224 -2.84 -11.04 14.13
CA SER B 224 -2.82 -11.09 14.13
C SER B 224 -2.65 -10.50 15.53
N ASN B 225 -1.41 -10.43 16.04
CA ASN B 225 -1.12 -9.89 17.37
C ASN B 225 -1.28 -8.38 17.37
N VAL B 226 -0.80 -7.71 16.30
CA VAL B 226 -0.94 -6.26 16.18
C VAL B 226 -2.43 -5.89 16.13
N ASP B 227 -3.19 -6.57 15.25
CA ASP B 227 -4.63 -6.37 15.09
C ASP B 227 -5.41 -6.52 16.40
N GLU B 228 -5.05 -7.52 17.22
CA GLU B 228 -5.73 -7.72 18.49
C GLU B 228 -5.38 -6.67 19.54
N GLY B 229 -4.19 -6.06 19.45
CA GLY B 229 -3.74 -5.06 20.39
C GLY B 229 -4.11 -3.63 20.09
N ILE B 230 -4.85 -3.38 19.00
CA ILE B 230 -5.24 -2.02 18.63
C ILE B 230 -6.58 -1.57 19.24
N TYR B 231 -6.58 -0.33 19.77
CA TYR B 231 -7.75 0.37 20.28
C TYR B 231 -7.51 1.87 20.09
N GLN B 232 -8.30 2.53 19.23
CA GLN B 232 -8.12 3.97 18.97
C GLN B 232 -8.22 4.86 20.21
N LEU B 233 -7.27 5.76 20.33
CA LEU B 233 -7.16 6.73 21.42
C LEU B 233 -7.79 8.04 20.96
N GLU B 234 -8.42 8.79 21.86
CA GLU B 234 -9.07 10.05 21.49
C GLU B 234 -8.69 11.19 22.44
N LYS B 235 -8.44 12.40 21.88
CA LYS B 235 -8.07 13.55 22.72
C LYS B 235 -9.27 14.47 22.97
C4 Z1L C . -20.66 17.59 -12.74
C5 Z1L C . -21.30 18.10 -11.62
C6 Z1L C . -22.62 17.78 -11.38
C7 Z1L C . -23.32 16.98 -12.26
C8 Z1L C . -22.70 16.50 -13.39
O1 Z1L C . -17.51 20.63 -13.09
C Z1L C . -18.25 20.05 -12.34
O Z1L C . -19.11 20.66 -11.56
C1 Z1L C . -18.29 18.52 -12.22
C3 Z1L C . -17.90 17.92 -10.88
C2 Z1L C . -16.96 17.82 -12.03
N Z1L C . -19.30 17.82 -13.00
C9 Z1L C . -21.37 16.80 -13.64
S DMS D . -22.74 -0.09 -16.88
O DMS D . -24.20 -0.40 -16.64
C1 DMS D . -22.67 0.99 -18.34
C2 DMS D . -21.98 -1.53 -17.66
C FMT E . -31.12 0.56 -12.95
O1 FMT E . -30.62 1.56 -13.48
O2 FMT E . -30.46 -0.58 -12.58
C FMT F . 2.10 10.77 -7.97
O1 FMT F . 2.04 10.70 -6.74
O2 FMT F . 3.26 10.88 -8.69
C FMT G . -15.05 -8.04 4.72
O1 FMT G . -15.47 -9.05 5.27
O2 FMT G . -13.77 -7.60 4.81
C FMT H . -10.66 5.12 11.82
O1 FMT H . -11.61 4.88 11.08
O2 FMT H . -10.64 4.81 13.14
S DMS I . 29.47 -14.18 -6.58
O DMS I . 28.68 -13.62 -5.41
C1 DMS I . 28.20 -14.91 -7.66
C2 DMS I . 30.22 -15.75 -6.03
S DMS J . 13.71 -21.27 -7.38
O DMS J . 12.80 -22.23 -8.09
C1 DMS J . 14.00 -19.93 -8.55
C2 DMS J . 15.36 -21.99 -7.43
C FMT K . 20.62 -22.37 -2.96
O1 FMT K . 20.95 -22.10 -1.81
O2 FMT K . 19.45 -21.97 -3.52
C FMT L . 21.68 -15.88 -1.44
O1 FMT L . 21.37 -14.93 -0.72
O2 FMT L . 22.67 -15.87 -2.39
C FMT M . 0.55 -10.17 -8.34
O1 FMT M . 0.63 -11.41 -8.24
O2 FMT M . 0.33 -9.48 -9.50
C FMT N . -1.03 -15.26 1.28
O1 FMT N . -0.68 -16.08 2.13
O2 FMT N . -1.12 -13.92 1.49
C FMT O . 7.14 2.34 21.88
O1 FMT O . 6.94 1.14 21.84
O2 FMT O . 7.76 3.04 20.91
C FMT P . -4.32 9.14 25.66
O1 FMT P . -3.47 9.39 24.82
O2 FMT P . -5.63 8.99 25.38
C FMT Q . 21.23 -23.18 -6.70
O1 FMT Q . 21.03 -23.85 -7.70
O2 FMT Q . 21.80 -21.95 -6.69
#